data_7DTZ
#
_entry.id   7DTZ
#
_cell.length_a   42.182
_cell.length_b   61.434
_cell.length_c   60.504
_cell.angle_alpha   90.000
_cell.angle_beta   97.650
_cell.angle_gamma   90.000
#
_symmetry.space_group_name_H-M   'P 1 21 1'
#
loop_
_entity.id
_entity.type
_entity.pdbx_description
1 polymer 'Fibroblast growth factor receptor 4'
2 non-polymer N-[2-[[5-[[2,6-bis(chloranyl)-3,5-dimethoxy-phenyl]methoxy]pyrimidin-2-yl]amino]-3-methyl-phenyl]-2-fluoranyl-prop-2-enamide
3 non-polymer 'SULFATE ION'
4 water water
#
_entity_poly.entity_id   1
_entity_poly.type   'polypeptide(L)'
_entity_poly.pdbx_seq_one_letter_code
;LLAGLVSLDLPLDPLWEFPRDRLVLGKPLGEGAFGQVVRAEAFGMDPARPDQASTVAVKMLKDNASDKDLADLVSEMEVM
KLIGRHKNIINLLGVCTQEGPLYVIVECAAKGNLREFLRARRPPGPDLSPDGPRSSEGPLSFPVLVSCAYQVARGMQYLE
SRKCIHRDLAARNVLVTEDNVMKIADFGLARGVHHIDYYKKTSNGRLPVKWMAPEALFDEVYTHQSDVWSFGILLWEIFT
LGGSPYPGIPVEELFSLLREGHRMDRPPHCPPELYGLMRECWHAAPSQRPTFKQLVEALDKVLLAVSEE
;
_entity_poly.pdbx_strand_id   A
#
# COMPACT_ATOMS: atom_id res chain seq x y z
N ASP A 9 0.19 -28.17 14.51
CA ASP A 9 0.58 -29.13 13.48
C ASP A 9 1.58 -28.54 12.50
N LEU A 10 1.76 -27.22 12.57
CA LEU A 10 2.66 -26.54 11.66
C LEU A 10 4.12 -26.80 12.03
N PRO A 11 4.99 -26.91 11.00
CA PRO A 11 6.41 -27.16 11.22
C PRO A 11 7.13 -25.95 11.83
N LEU A 12 8.13 -26.22 12.66
CA LEU A 12 8.91 -25.14 13.26
C LEU A 12 9.96 -24.60 12.31
N ASP A 13 9.96 -23.28 12.14
CA ASP A 13 10.98 -22.58 11.39
C ASP A 13 11.71 -21.66 12.35
N PRO A 14 12.81 -22.15 12.96
CA PRO A 14 13.53 -21.41 14.00
C PRO A 14 14.00 -20.02 13.54
N LEU A 15 14.18 -19.85 12.24
CA LEU A 15 14.62 -18.56 11.69
C LEU A 15 13.62 -17.45 12.02
N TRP A 16 12.33 -17.77 11.97
CA TRP A 16 11.29 -16.75 12.10
C TRP A 16 10.46 -16.87 13.38
N GLU A 17 10.54 -18.01 14.06
CA GLU A 17 9.65 -18.26 15.20
C GLU A 17 9.94 -17.32 16.37
N PHE A 18 8.88 -16.75 16.91
CA PHE A 18 8.94 -15.81 18.03
C PHE A 18 8.01 -16.33 19.13
N PRO A 19 8.51 -16.40 20.37
CA PRO A 19 7.68 -16.89 21.49
C PRO A 19 6.45 -16.03 21.68
N ARG A 20 5.27 -16.65 21.65
CA ARG A 20 4.01 -15.90 21.69
C ARG A 20 3.81 -15.19 23.04
N ASP A 21 4.46 -15.68 24.08
CA ASP A 21 4.36 -15.08 25.41
C ASP A 21 5.16 -13.79 25.52
N ARG A 22 5.86 -13.44 24.45
CA ARG A 22 6.58 -12.17 24.42
C ARG A 22 5.76 -11.12 23.70
N LEU A 23 4.53 -11.49 23.34
CA LEU A 23 3.57 -10.56 22.76
C LEU A 23 2.51 -10.17 23.78
N VAL A 24 2.14 -8.90 23.80
CA VAL A 24 0.99 -8.45 24.56
C VAL A 24 0.01 -7.80 23.59
N LEU A 25 -1.08 -8.51 23.30
CA LEU A 25 -2.05 -8.04 22.31
C LEU A 25 -2.79 -6.80 22.79
N GLY A 26 -2.99 -5.87 21.87
CA GLY A 26 -3.68 -4.62 22.19
C GLY A 26 -4.79 -4.39 21.19
N LYS A 27 -5.15 -3.13 21.02
CA LYS A 27 -6.25 -2.74 20.15
C LYS A 27 -6.31 -3.34 18.75
N PRO A 28 -7.46 -3.91 18.40
CA PRO A 28 -7.75 -4.39 17.03
C PRO A 28 -7.61 -3.25 16.02
N LEU A 29 -6.96 -3.54 14.89
CA LEU A 29 -6.73 -2.53 13.87
C LEU A 29 -7.71 -2.70 12.70
N GLY A 30 -8.10 -3.94 12.44
CA GLY A 30 -9.01 -4.25 11.35
C GLY A 30 -9.33 -5.73 11.24
N GLU A 31 -10.50 -6.03 10.68
CA GLU A 31 -10.97 -7.39 10.46
C GLU A 31 -11.57 -7.53 9.06
N GLY A 32 -11.40 -8.71 8.47
CA GLY A 32 -11.94 -8.93 7.14
C GLY A 32 -11.73 -10.36 6.65
N ALA A 33 -11.83 -10.53 5.33
CA ALA A 33 -11.61 -11.84 4.72
C ALA A 33 -10.18 -12.33 4.99
N PHE A 34 -9.26 -11.38 5.05
CA PHE A 34 -7.84 -11.70 5.22
C PHE A 34 -7.30 -12.05 6.60
N GLY A 35 -8.21 -12.34 7.52
CA GLY A 35 -7.92 -12.42 8.95
C GLY A 35 -8.23 -11.13 9.67
N GLN A 36 -7.83 -11.07 10.94
CA GLN A 36 -7.97 -9.85 11.72
C GLN A 36 -6.58 -9.36 12.14
N VAL A 37 -6.44 -8.06 12.30
CA VAL A 37 -5.15 -7.46 12.65
C VAL A 37 -5.24 -6.79 14.02
N VAL A 38 -4.25 -7.06 14.85
CA VAL A 38 -4.22 -6.49 16.20
C VAL A 38 -2.87 -5.81 16.48
N ARG A 39 -2.92 -4.60 17.01
CA ARG A 39 -1.71 -3.93 17.50
C ARG A 39 -1.19 -4.66 18.72
N ALA A 40 0.13 -4.75 18.87
CA ALA A 40 0.69 -5.47 19.99
C ALA A 40 2.04 -4.93 20.42
N GLU A 41 2.38 -5.15 21.69
CA GLU A 41 3.72 -4.89 22.18
C GLU A 41 4.51 -6.19 22.13
N ALA A 42 5.73 -6.12 21.61
CA ALA A 42 6.61 -7.27 21.58
C ALA A 42 7.86 -6.98 22.39
N PHE A 43 8.30 -7.98 23.16
CA PHE A 43 9.51 -7.82 23.96
C PHE A 43 10.62 -8.72 23.44
N GLY A 44 11.73 -8.11 23.06
CA GLY A 44 12.88 -8.86 22.60
C GLY A 44 12.78 -9.32 21.16
N MET A 45 12.10 -8.53 20.32
CA MET A 45 12.08 -8.81 18.88
C MET A 45 13.52 -8.81 18.36
N ASP A 46 14.31 -7.91 18.94
CA ASP A 46 15.77 -7.96 18.79
C ASP A 46 16.34 -8.81 19.91
N PRO A 47 16.86 -10.00 19.56
CA PRO A 47 17.38 -10.95 20.55
C PRO A 47 18.56 -10.40 21.35
N ALA A 48 19.18 -9.34 20.85
CA ALA A 48 20.31 -8.72 21.54
C ALA A 48 19.81 -7.91 22.75
N ARG A 49 18.55 -7.50 22.69
CA ARG A 49 17.91 -6.79 23.80
C ARG A 49 16.58 -7.43 24.16
N PRO A 50 16.64 -8.54 24.93
CA PRO A 50 15.51 -9.43 25.24
C PRO A 50 14.35 -8.74 25.95
N ASP A 51 14.61 -7.67 26.68
CA ASP A 51 13.57 -7.02 27.47
C ASP A 51 13.11 -5.70 26.87
N GLN A 52 13.55 -5.41 25.64
CA GLN A 52 13.20 -4.16 24.98
C GLN A 52 11.83 -4.27 24.32
N ALA A 53 10.99 -3.26 24.54
CA ALA A 53 9.65 -3.26 23.97
C ALA A 53 9.60 -2.60 22.59
N SER A 54 8.73 -3.13 21.73
CA SER A 54 8.47 -2.51 20.44
C SER A 54 7.00 -2.68 20.12
N THR A 55 6.46 -1.82 19.25
CA THR A 55 5.08 -1.92 18.83
C THR A 55 4.99 -2.55 17.44
N VAL A 56 4.20 -3.62 17.34
CA VAL A 56 4.10 -4.36 16.10
C VAL A 56 2.64 -4.60 15.71
N ALA A 57 2.43 -5.12 14.52
CA ALA A 57 1.11 -5.52 14.06
C ALA A 57 1.06 -7.04 13.93
N VAL A 58 -0.01 -7.64 14.41
CA VAL A 58 -0.15 -9.08 14.39
C VAL A 58 -1.38 -9.52 13.60
N LYS A 59 -1.16 -10.33 12.57
CA LYS A 59 -2.26 -10.91 11.83
C LYS A 59 -2.56 -12.31 12.37
N MET A 60 -3.84 -12.59 12.56
CA MET A 60 -4.27 -13.88 13.07
C MET A 60 -5.58 -14.31 12.45
N LEU A 61 -6.02 -15.52 12.64
CA LEU A 61 -7.26 -15.94 12.11
C LEU A 61 -8.43 -15.48 12.97
N LYS A 62 -9.59 -15.45 12.39
CA LYS A 62 -10.79 -15.10 13.13
C LYS A 62 -11.37 -16.28 13.80
N ASP A 63 -12.48 -16.00 14.46
CA ASP A 63 -13.24 -17.00 15.20
C ASP A 63 -13.43 -18.45 14.67
N ASN A 64 -14.26 -18.66 13.68
CA ASN A 64 -14.51 -19.96 13.19
C ASN A 64 -13.96 -19.93 11.80
N ALA A 65 -12.64 -19.82 11.73
CA ALA A 65 -11.93 -19.85 10.47
C ALA A 65 -11.96 -21.27 9.92
N SER A 66 -11.88 -21.41 8.62
CA SER A 66 -11.91 -22.69 8.01
C SER A 66 -10.50 -23.14 7.75
N ASP A 67 -10.39 -24.31 7.19
CA ASP A 67 -9.06 -24.83 6.89
C ASP A 67 -8.44 -24.04 5.75
N LYS A 68 -9.29 -23.51 4.88
CA LYS A 68 -8.83 -22.69 3.77
C LYS A 68 -8.25 -21.37 4.28
N ASP A 69 -8.89 -20.80 5.29
CA ASP A 69 -8.43 -19.56 5.91
C ASP A 69 -7.02 -19.73 6.47
N LEU A 70 -6.79 -20.84 7.16
CA LEU A 70 -5.48 -21.17 7.70
C LEU A 70 -4.45 -21.32 6.59
N ALA A 71 -4.85 -21.98 5.51
CA ALA A 71 -3.98 -22.18 4.36
C ALA A 71 -3.61 -20.85 3.71
N ASP A 72 -4.58 -19.95 3.62
CA ASP A 72 -4.35 -18.62 3.05
C ASP A 72 -3.33 -17.84 3.88
N LEU A 73 -3.46 -17.93 5.20
CA LEU A 73 -2.56 -17.21 6.09
C LEU A 73 -1.16 -17.80 6.09
N VAL A 74 -1.07 -19.13 6.07
CA VAL A 74 0.22 -19.82 5.98
C VAL A 74 0.90 -19.44 4.68
N SER A 75 0.11 -19.32 3.62
CA SER A 75 0.63 -18.93 2.31
C SER A 75 1.21 -17.52 2.33
N GLU A 76 0.46 -16.58 2.88
CA GLU A 76 0.94 -15.20 2.95
C GLU A 76 2.20 -15.11 3.79
N MET A 77 2.24 -15.90 4.86
CA MET A 77 3.39 -15.95 5.75
C MET A 77 4.65 -16.39 4.98
N GLU A 78 4.52 -17.47 4.23
CA GLU A 78 5.63 -18.02 3.47
C GLU A 78 6.07 -17.08 2.34
N VAL A 79 5.10 -16.41 1.71
CA VAL A 79 5.40 -15.44 0.65
C VAL A 79 6.24 -14.30 1.22
N MET A 80 5.88 -13.84 2.41
CA MET A 80 6.61 -12.74 3.06
C MET A 80 8.00 -13.18 3.51
N LYS A 81 8.12 -14.44 3.90
CA LYS A 81 9.45 -15.02 4.16
C LYS A 81 10.32 -14.95 2.91
N LEU A 82 9.76 -15.41 1.79
CA LEU A 82 10.45 -15.51 0.51
C LEU A 82 10.94 -14.17 -0.03
N ILE A 83 10.09 -13.15 0.07
CA ILE A 83 10.33 -11.87 -0.60
C ILE A 83 11.47 -11.09 0.05
N GLY A 84 11.65 -11.28 1.35
CA GLY A 84 12.75 -10.63 2.04
C GLY A 84 12.43 -9.22 2.49
N ARG A 85 13.45 -8.53 2.98
CA ARG A 85 13.28 -7.23 3.62
C ARG A 85 13.66 -6.06 2.72
N HIS A 86 12.86 -4.99 2.78
CA HIS A 86 13.19 -3.73 2.13
C HIS A 86 12.61 -2.57 2.92
N LYS A 87 13.31 -1.44 2.88
CA LYS A 87 12.91 -0.24 3.64
C LYS A 87 11.49 0.22 3.33
N ASN A 88 11.09 0.07 2.07
CA ASN A 88 9.82 0.62 1.62
C ASN A 88 8.70 -0.41 1.47
N ILE A 89 8.78 -1.49 2.24
CA ILE A 89 7.66 -2.42 2.36
C ILE A 89 7.42 -2.73 3.84
N ILE A 90 6.19 -3.14 4.15
CA ILE A 90 5.88 -3.61 5.50
C ILE A 90 6.51 -4.97 5.70
N ASN A 91 7.52 -5.04 6.56
CA ASN A 91 8.34 -6.25 6.70
C ASN A 91 7.86 -7.26 7.73
N LEU A 92 8.11 -8.53 7.41
CA LEU A 92 7.89 -9.62 8.36
C LEU A 92 8.90 -9.55 9.48
N LEU A 93 8.41 -9.62 10.73
CA LEU A 93 9.29 -9.57 11.89
C LEU A 93 9.44 -10.94 12.54
N GLY A 94 8.36 -11.70 12.58
CA GLY A 94 8.39 -13.03 13.16
C GLY A 94 7.04 -13.72 13.06
N VAL A 95 7.00 -14.98 13.46
CA VAL A 95 5.76 -15.75 13.44
C VAL A 95 5.60 -16.58 14.71
N CYS A 96 4.35 -16.87 15.07
CA CYS A 96 4.05 -17.78 16.15
C CYS A 96 3.25 -18.95 15.60
N THR A 97 3.91 -20.10 15.45
CA THR A 97 3.27 -21.25 14.83
C THR A 97 3.11 -22.42 15.81
N GLN A 98 3.84 -22.37 16.92
CA GLN A 98 3.90 -23.49 17.85
C GLN A 98 3.04 -23.30 19.10
N GLU A 99 2.35 -24.39 19.47
CA GLU A 99 1.58 -24.46 20.71
C GLU A 99 0.64 -23.28 20.91
N GLY A 100 -0.27 -23.08 19.96
CA GLY A 100 -1.21 -21.97 20.01
C GLY A 100 -1.60 -21.48 18.63
N PRO A 101 -2.47 -20.46 18.57
CA PRO A 101 -2.96 -19.88 17.32
C PRO A 101 -1.85 -19.28 16.46
N LEU A 102 -2.04 -19.34 15.15
CA LEU A 102 -1.07 -18.81 14.20
C LEU A 102 -1.03 -17.29 14.20
N TYR A 103 0.13 -16.73 14.53
CA TYR A 103 0.35 -15.30 14.44
C TYR A 103 1.39 -14.97 13.37
N VAL A 104 1.13 -13.93 12.60
CA VAL A 104 2.14 -13.38 11.69
C VAL A 104 2.45 -11.95 12.12
N ILE A 105 3.69 -11.70 12.53
CA ILE A 105 4.06 -10.43 13.12
C ILE A 105 4.82 -9.56 12.14
N VAL A 106 4.32 -8.34 11.91
CA VAL A 106 4.93 -7.42 10.94
C VAL A 106 5.12 -6.03 11.53
N GLU A 107 5.84 -5.19 10.79
CA GLU A 107 6.07 -3.80 11.19
C GLU A 107 4.77 -3.02 11.25
N CYS A 108 4.68 -2.10 12.21
CA CYS A 108 3.48 -1.28 12.38
C CYS A 108 3.80 0.19 12.14
N ALA A 109 3.20 0.77 11.10
CA ALA A 109 3.46 2.14 10.71
C ALA A 109 2.55 3.11 11.47
N ALA A 110 3.18 4.05 12.17
CA ALA A 110 2.50 4.92 13.14
C ALA A 110 1.44 5.87 12.55
N LYS A 111 1.64 6.34 11.33
CA LYS A 111 0.81 7.42 10.79
C LYS A 111 -0.33 6.96 9.87
N GLY A 112 -0.59 5.66 9.81
CA GLY A 112 -1.70 5.15 9.01
C GLY A 112 -1.37 5.01 7.54
N ASN A 113 -2.39 4.87 6.70
CA ASN A 113 -2.17 4.73 5.27
C ASN A 113 -1.99 6.08 4.58
N LEU A 114 -1.40 6.06 3.39
CA LEU A 114 -1.02 7.28 2.70
C LEU A 114 -2.23 8.14 2.32
N ARG A 115 -3.36 7.51 2.00
CA ARG A 115 -4.56 8.27 1.65
C ARG A 115 -5.00 9.15 2.81
N GLU A 116 -5.16 8.55 3.98
CA GLU A 116 -5.61 9.28 5.16
C GLU A 116 -4.54 10.26 5.65
N PHE A 117 -3.28 9.89 5.47
CA PHE A 117 -2.16 10.76 5.81
C PHE A 117 -2.25 12.07 5.04
N LEU A 118 -2.54 11.96 3.75
CA LEU A 118 -2.65 13.13 2.87
C LEU A 118 -3.91 13.94 3.15
N ARG A 119 -5.04 13.26 3.31
CA ARG A 119 -6.32 13.93 3.52
C ARG A 119 -6.33 14.72 4.83
N ALA A 120 -5.59 14.24 5.82
CA ALA A 120 -5.53 14.90 7.13
C ALA A 120 -4.59 16.10 7.10
N ARG A 121 -3.80 16.22 6.03
CA ARG A 121 -2.79 17.26 5.95
C ARG A 121 -2.97 18.20 4.76
N ARG A 122 -4.20 18.30 4.28
CA ARG A 122 -4.54 19.25 3.22
C ARG A 122 -4.35 20.67 3.75
N PRO A 123 -3.91 21.60 2.88
CA PRO A 123 -3.57 22.94 3.34
C PRO A 123 -4.77 23.69 3.93
N PRO A 124 -4.52 24.67 4.81
CA PRO A 124 -5.61 25.44 5.40
C PRO A 124 -6.46 26.14 4.34
N GLY A 125 -7.77 25.91 4.37
CA GLY A 125 -8.66 26.58 3.45
C GLY A 125 -8.92 27.98 3.95
N PRO A 126 -9.11 28.91 3.00
CA PRO A 126 -9.40 30.32 3.28
C PRO A 126 -10.42 30.53 4.40
N ASP A 127 -11.25 29.53 4.69
CA ASP A 127 -12.27 29.60 5.75
C ASP A 127 -11.66 29.69 7.15
N LEU A 128 -10.35 29.44 7.25
CA LEU A 128 -9.67 29.54 8.54
C LEU A 128 -9.01 30.92 8.70
N SER A 129 -9.16 31.51 9.87
CA SER A 129 -8.60 32.83 10.16
C SER A 129 -7.10 32.77 10.33
N PRO A 130 -6.37 33.67 9.66
CA PRO A 130 -4.91 33.68 9.72
C PRO A 130 -4.39 34.02 11.12
N ASP A 131 -3.37 33.27 11.55
CA ASP A 131 -2.84 33.42 12.89
C ASP A 131 -1.36 33.05 12.91
N GLY A 132 -0.50 34.05 13.07
CA GLY A 132 0.93 33.81 13.04
C GLY A 132 1.50 33.96 11.64
N PRO A 133 2.81 33.73 11.50
CA PRO A 133 3.57 33.99 10.26
C PRO A 133 3.49 32.88 9.20
N ARG A 134 2.81 31.78 9.48
CA ARG A 134 2.76 30.66 8.53
C ARG A 134 1.33 30.27 8.19
N SER A 135 0.43 31.24 8.19
CA SER A 135 -1.01 30.98 8.10
C SER A 135 -1.46 30.20 6.87
N SER A 136 -0.71 30.29 5.77
CA SER A 136 -1.11 29.62 4.53
C SER A 136 -0.20 28.45 4.19
N GLU A 137 0.76 28.17 5.07
CA GLU A 137 1.69 27.07 4.86
C GLU A 137 1.16 25.79 5.47
N GLY A 138 0.71 24.87 4.63
CA GLY A 138 0.22 23.59 5.09
C GLY A 138 1.36 22.64 5.37
N PRO A 139 1.05 21.47 5.97
CA PRO A 139 2.08 20.49 6.32
C PRO A 139 2.75 19.87 5.09
N LEU A 140 2.04 19.82 3.97
CA LEU A 140 2.54 19.13 2.78
C LEU A 140 3.21 20.08 1.79
N SER A 141 4.45 19.77 1.42
CA SER A 141 5.17 20.51 0.38
C SER A 141 5.40 19.62 -0.83
N PHE A 142 5.69 20.26 -1.96
CA PHE A 142 5.91 19.52 -3.21
C PHE A 142 7.06 18.49 -3.12
N PRO A 143 8.22 18.86 -2.56
CA PRO A 143 9.30 17.86 -2.50
C PRO A 143 8.95 16.62 -1.65
N VAL A 144 8.13 16.79 -0.61
CA VAL A 144 7.74 15.66 0.24
C VAL A 144 6.73 14.79 -0.48
N LEU A 145 5.83 15.41 -1.25
CA LEU A 145 4.91 14.66 -2.09
C LEU A 145 5.67 13.81 -3.11
N VAL A 146 6.67 14.41 -3.74
CA VAL A 146 7.49 13.71 -4.72
C VAL A 146 8.28 12.58 -4.05
N SER A 147 8.74 12.83 -2.83
CA SER A 147 9.47 11.82 -2.07
C SER A 147 8.58 10.62 -1.79
N CYS A 148 7.32 10.87 -1.45
CA CYS A 148 6.36 9.81 -1.22
C CYS A 148 6.22 8.92 -2.45
N ALA A 149 6.09 9.56 -3.61
CA ALA A 149 5.97 8.85 -4.87
C ALA A 149 7.24 8.05 -5.17
N TYR A 150 8.40 8.68 -4.94
CA TYR A 150 9.68 8.04 -5.18
C TYR A 150 9.86 6.78 -4.33
N GLN A 151 9.48 6.88 -3.05
CA GLN A 151 9.64 5.77 -2.12
C GLN A 151 8.77 4.58 -2.50
N VAL A 152 7.53 4.85 -2.92
CA VAL A 152 6.63 3.80 -3.35
C VAL A 152 7.19 3.08 -4.57
N ALA A 153 7.74 3.87 -5.48
CA ALA A 153 8.35 3.33 -6.70
C ALA A 153 9.55 2.46 -6.36
N ARG A 154 10.33 2.86 -5.36
CA ARG A 154 11.47 2.09 -4.90
C ARG A 154 11.03 0.75 -4.32
N GLY A 155 9.98 0.80 -3.52
CA GLY A 155 9.42 -0.41 -2.92
C GLY A 155 8.89 -1.36 -3.96
N MET A 156 8.17 -0.83 -4.94
CA MET A 156 7.63 -1.64 -6.02
C MET A 156 8.74 -2.22 -6.88
N GLN A 157 9.80 -1.45 -7.09
CA GLN A 157 10.96 -1.93 -7.84
C GLN A 157 11.56 -3.14 -7.13
N TYR A 158 11.67 -3.06 -5.81
CA TYR A 158 12.16 -4.18 -5.02
C TYR A 158 11.24 -5.38 -5.17
N LEU A 159 9.95 -5.17 -4.91
CA LEU A 159 8.96 -6.22 -5.03
C LEU A 159 9.00 -6.83 -6.42
N GLU A 160 9.27 -5.99 -7.42
CA GLU A 160 9.37 -6.44 -8.80
C GLU A 160 10.53 -7.41 -8.97
N SER A 161 11.66 -7.06 -8.36
CA SER A 161 12.87 -7.85 -8.49
C SER A 161 12.73 -9.20 -7.80
N ARG A 162 11.75 -9.33 -6.93
CA ARG A 162 11.49 -10.59 -6.24
C ARG A 162 10.27 -11.29 -6.85
N LYS A 163 9.93 -10.87 -8.07
CA LYS A 163 8.84 -11.46 -8.85
C LYS A 163 7.48 -11.37 -8.17
N CYS A 164 7.24 -10.27 -7.45
CA CYS A 164 5.97 -10.07 -6.77
C CYS A 164 5.10 -9.04 -7.50
N ILE A 165 3.90 -9.46 -7.89
CA ILE A 165 2.91 -8.55 -8.45
C ILE A 165 1.89 -8.21 -7.37
N HIS A 166 1.73 -6.92 -7.06
CA HIS A 166 0.87 -6.51 -5.94
C HIS A 166 -0.62 -6.74 -6.23
N ARG A 167 -1.07 -6.24 -7.38
CA ARG A 167 -2.43 -6.41 -7.92
C ARG A 167 -3.48 -5.49 -7.33
N ASP A 168 -3.15 -4.76 -6.27
CA ASP A 168 -4.02 -3.68 -5.81
C ASP A 168 -3.44 -2.32 -5.46
N LEU A 169 -2.24 -2.05 -5.97
CA LEU A 169 -1.43 -0.92 -5.54
C LEU A 169 -2.30 0.34 -5.48
N ALA A 170 -2.38 0.92 -4.29
CA ALA A 170 -3.18 2.11 -4.06
C ALA A 170 -2.68 2.83 -2.82
N ALA A 171 -3.03 4.10 -2.69
CA ALA A 171 -2.60 4.89 -1.54
C ALA A 171 -3.06 4.23 -0.24
N ARG A 172 -4.21 3.61 -0.29
CA ARG A 172 -4.73 2.95 0.92
C ARG A 172 -3.83 1.75 1.25
N ASN A 173 -3.10 1.20 0.28
CA ASN A 173 -2.22 0.08 0.54
C ASN A 173 -0.76 0.50 0.64
N VAL A 174 -0.55 1.77 0.97
CA VAL A 174 0.77 2.26 1.34
C VAL A 174 0.69 2.88 2.73
N LEU A 175 1.56 2.44 3.63
CA LEU A 175 1.52 2.93 4.99
C LEU A 175 2.66 3.89 5.28
N VAL A 176 2.45 4.74 6.28
CA VAL A 176 3.40 5.81 6.59
C VAL A 176 3.94 5.69 8.01
N THR A 177 5.27 5.61 8.13
CA THR A 177 5.89 5.48 9.45
C THR A 177 5.99 6.83 10.15
N GLU A 178 6.48 6.79 11.39
CA GLU A 178 6.65 8.00 12.20
C GLU A 178 7.62 8.98 11.54
N ASP A 179 8.47 8.46 10.65
CA ASP A 179 9.46 9.28 9.95
C ASP A 179 9.06 9.53 8.51
N ASN A 180 7.78 9.33 8.21
CA ASN A 180 7.23 9.53 6.86
C ASN A 180 7.91 8.68 5.80
N VAL A 181 8.32 7.48 6.18
CA VAL A 181 8.80 6.50 5.22
C VAL A 181 7.62 5.73 4.65
N MET A 182 7.57 5.58 3.33
CA MET A 182 6.49 4.83 2.70
C MET A 182 6.75 3.33 2.77
N LYS A 183 5.76 2.57 3.21
CA LYS A 183 5.88 1.12 3.23
C LYS A 183 4.67 0.45 2.57
N ILE A 184 4.92 -0.24 1.48
CA ILE A 184 3.88 -0.94 0.73
C ILE A 184 3.29 -2.07 1.57
N ALA A 185 1.96 -2.09 1.65
CA ALA A 185 1.25 -3.04 2.49
C ALA A 185 0.57 -4.14 1.69
N ASP A 186 0.37 -5.29 2.34
CA ASP A 186 -0.41 -6.39 1.79
C ASP A 186 0.05 -6.85 0.41
N PHE A 187 1.35 -6.96 0.20
CA PHE A 187 1.88 -7.31 -1.11
C PHE A 187 1.85 -8.82 -1.37
N GLY A 188 1.62 -9.61 -0.32
CA GLY A 188 1.60 -11.05 -0.45
C GLY A 188 0.22 -11.66 -0.28
N LEU A 189 -0.81 -10.85 -0.44
CA LEU A 189 -2.18 -11.31 -0.28
C LEU A 189 -2.67 -12.14 -1.46
N ALA A 190 -3.40 -13.22 -1.16
CA ALA A 190 -4.21 -13.89 -2.18
C ALA A 190 -5.46 -13.06 -2.34
N ARG A 191 -5.70 -12.56 -3.54
CA ARG A 191 -6.74 -11.56 -3.75
C ARG A 191 -7.94 -12.07 -4.55
N GLY A 192 -7.91 -13.35 -4.91
CA GLY A 192 -9.02 -13.98 -5.62
C GLY A 192 -9.40 -13.25 -6.90
N VAL A 193 -8.46 -13.19 -7.83
CA VAL A 193 -8.61 -12.39 -9.03
C VAL A 193 -9.64 -12.94 -10.02
N HIS A 194 -10.08 -14.18 -9.79
CA HIS A 194 -11.05 -14.80 -10.69
C HIS A 194 -12.49 -14.64 -10.18
N HIS A 195 -12.65 -13.92 -9.08
CA HIS A 195 -14.01 -13.66 -8.54
C HIS A 195 -14.08 -12.28 -7.89
N ILE A 196 -13.68 -11.26 -8.63
CA ILE A 196 -13.76 -9.89 -8.16
C ILE A 196 -15.13 -9.30 -8.45
N ASP A 197 -15.79 -8.80 -7.42
CA ASP A 197 -17.01 -8.03 -7.60
C ASP A 197 -16.59 -6.62 -7.99
N TYR A 198 -16.69 -6.30 -9.27
CA TYR A 198 -16.22 -5.01 -9.78
C TYR A 198 -17.07 -3.85 -9.28
N TYR A 199 -18.26 -4.16 -8.77
CA TYR A 199 -19.14 -3.13 -8.23
C TYR A 199 -18.97 -2.95 -6.73
N LYS A 200 -18.06 -3.72 -6.14
CA LYS A 200 -17.83 -3.68 -4.71
C LYS A 200 -17.38 -2.31 -4.20
N LYS A 201 -18.06 -1.81 -3.18
CA LYS A 201 -17.67 -0.58 -2.51
C LYS A 201 -17.31 -0.90 -1.07
N THR A 202 -16.16 -0.41 -0.61
CA THR A 202 -15.68 -0.72 0.73
C THR A 202 -16.43 0.10 1.78
N SER A 203 -16.13 -0.15 3.05
CA SER A 203 -16.76 0.55 4.16
C SER A 203 -16.45 2.05 4.14
N ASN A 204 -15.35 2.39 3.49
CA ASN A 204 -14.93 3.78 3.38
C ASN A 204 -15.21 4.38 2.00
N GLY A 205 -15.99 3.66 1.21
CA GLY A 205 -16.46 4.16 -0.08
C GLY A 205 -15.54 3.93 -1.25
N ARG A 206 -14.49 3.14 -1.04
CA ARG A 206 -13.54 2.87 -2.11
C ARG A 206 -14.09 1.90 -3.14
N LEU A 207 -13.85 2.21 -4.41
CA LEU A 207 -14.13 1.28 -5.51
C LEU A 207 -12.83 0.78 -6.11
N PRO A 208 -12.30 -0.35 -5.61
CA PRO A 208 -11.00 -0.90 -5.99
C PRO A 208 -10.83 -1.15 -7.51
N VAL A 209 -11.93 -1.27 -8.24
CA VAL A 209 -11.84 -1.51 -9.69
C VAL A 209 -11.18 -0.33 -10.38
N LYS A 210 -11.22 0.83 -9.74
CA LYS A 210 -10.67 2.05 -10.32
C LYS A 210 -9.14 2.08 -10.34
N TRP A 211 -8.51 1.09 -9.72
CA TRP A 211 -7.05 0.98 -9.75
C TRP A 211 -6.55 -0.11 -10.69
N MET A 212 -7.47 -0.86 -11.30
CA MET A 212 -7.09 -1.99 -12.14
C MET A 212 -6.65 -1.56 -13.54
N ALA A 213 -5.53 -2.11 -13.99
CA ALA A 213 -5.10 -1.94 -15.38
C ALA A 213 -6.14 -2.59 -16.28
N PRO A 214 -6.31 -2.05 -17.50
CA PRO A 214 -7.31 -2.55 -18.45
C PRO A 214 -7.13 -4.03 -18.76
N GLU A 215 -5.88 -4.48 -18.93
CA GLU A 215 -5.63 -5.88 -19.24
C GLU A 215 -6.02 -6.78 -18.06
N ALA A 216 -5.96 -6.23 -16.85
CA ALA A 216 -6.35 -6.97 -15.65
C ALA A 216 -7.87 -7.00 -15.54
N LEU A 217 -8.49 -5.84 -15.70
CA LEU A 217 -9.93 -5.73 -15.58
C LEU A 217 -10.67 -6.51 -16.68
N PHE A 218 -10.23 -6.31 -17.92
CA PHE A 218 -10.93 -6.87 -19.06
C PHE A 218 -10.46 -8.28 -19.43
N ASP A 219 -9.18 -8.57 -19.24
CA ASP A 219 -8.61 -9.83 -19.73
C ASP A 219 -8.08 -10.74 -18.61
N GLU A 220 -8.20 -10.28 -17.37
CA GLU A 220 -7.68 -11.00 -16.20
C GLU A 220 -6.18 -11.29 -16.34
N VAL A 221 -5.46 -10.35 -16.95
CA VAL A 221 -4.02 -10.48 -17.12
C VAL A 221 -3.26 -9.52 -16.21
N TYR A 222 -2.36 -10.05 -15.39
CA TYR A 222 -1.49 -9.25 -14.52
C TYR A 222 0.01 -9.46 -14.86
N THR A 223 0.77 -8.37 -14.98
CA THR A 223 2.23 -8.38 -15.17
C THR A 223 2.71 -7.30 -14.20
N HIS A 224 3.97 -6.93 -14.16
CA HIS A 224 4.39 -5.82 -13.34
C HIS A 224 3.94 -4.51 -13.98
N GLN A 225 3.65 -4.56 -15.26
CA GLN A 225 3.24 -3.37 -16.00
C GLN A 225 1.80 -3.04 -15.58
N SER A 226 1.07 -4.05 -15.12
CA SER A 226 -0.25 -3.84 -14.56
C SER A 226 -0.15 -3.01 -13.29
N ASP A 227 0.87 -3.30 -12.49
CA ASP A 227 1.12 -2.52 -11.28
C ASP A 227 1.54 -1.09 -11.59
N VAL A 228 2.25 -0.90 -12.70
CA VAL A 228 2.67 0.43 -13.13
C VAL A 228 1.44 1.30 -13.41
N TRP A 229 0.42 0.72 -14.03
CA TRP A 229 -0.84 1.41 -14.25
C TRP A 229 -1.38 1.89 -12.91
N SER A 230 -1.46 0.97 -11.95
CA SER A 230 -1.95 1.29 -10.62
C SER A 230 -1.12 2.38 -9.95
N PHE A 231 0.19 2.35 -10.18
CA PHE A 231 1.08 3.38 -9.65
C PHE A 231 0.70 4.75 -10.19
N GLY A 232 0.26 4.78 -11.45
CA GLY A 232 -0.19 6.03 -12.06
C GLY A 232 -1.38 6.59 -11.34
N ILE A 233 -2.32 5.71 -10.98
CA ILE A 233 -3.49 6.11 -10.20
C ILE A 233 -3.05 6.63 -8.84
N LEU A 234 -2.07 5.94 -8.25
CA LEU A 234 -1.54 6.32 -6.93
C LEU A 234 -0.85 7.69 -7.00
N LEU A 235 -0.16 7.94 -8.11
CA LEU A 235 0.44 9.25 -8.35
C LEU A 235 -0.63 10.34 -8.31
N TRP A 236 -1.75 10.06 -8.96
CA TRP A 236 -2.87 10.98 -9.00
C TRP A 236 -3.46 11.21 -7.61
N GLU A 237 -3.52 10.14 -6.81
CA GLU A 237 -3.98 10.24 -5.44
C GLU A 237 -3.10 11.17 -4.62
N ILE A 238 -1.79 11.01 -4.78
CA ILE A 238 -0.82 11.81 -4.02
C ILE A 238 -0.97 13.30 -4.30
N PHE A 239 -1.09 13.66 -5.57
CA PHE A 239 -1.09 15.07 -5.96
C PHE A 239 -2.50 15.67 -6.01
N THR A 240 -3.49 14.90 -5.58
CA THR A 240 -4.78 15.45 -5.22
C THR A 240 -4.92 15.41 -3.71
N LEU A 241 -3.81 15.07 -3.06
CA LEU A 241 -3.74 14.97 -1.61
C LEU A 241 -4.81 14.02 -1.05
N GLY A 242 -4.91 12.84 -1.64
CA GLY A 242 -5.80 11.81 -1.14
C GLY A 242 -7.19 11.85 -1.75
N GLY A 243 -7.29 12.30 -2.99
CA GLY A 243 -8.57 12.32 -3.69
C GLY A 243 -8.92 10.96 -4.25
N SER A 244 -10.20 10.74 -4.53
CA SER A 244 -10.65 9.50 -5.13
C SER A 244 -10.64 9.61 -6.65
N PRO A 245 -10.08 8.60 -7.33
CA PRO A 245 -9.91 8.62 -8.79
C PRO A 245 -11.23 8.56 -9.55
N TYR A 246 -11.19 9.00 -10.81
CA TYR A 246 -12.37 9.11 -11.65
C TYR A 246 -13.59 9.75 -10.99
N PRO A 247 -13.41 10.97 -10.45
CA PRO A 247 -14.45 11.65 -9.66
C PRO A 247 -15.86 11.60 -10.22
N GLY A 248 -16.81 11.13 -9.40
CA GLY A 248 -18.22 11.12 -9.74
C GLY A 248 -18.62 10.07 -10.75
N ILE A 249 -17.67 9.23 -11.16
CA ILE A 249 -17.93 8.18 -12.14
C ILE A 249 -18.18 6.84 -11.47
N PRO A 250 -19.41 6.31 -11.58
CA PRO A 250 -19.72 4.99 -11.05
C PRO A 250 -19.12 3.88 -11.92
N VAL A 251 -19.15 2.65 -11.43
CA VAL A 251 -18.47 1.54 -12.09
C VAL A 251 -18.96 1.27 -13.51
N GLU A 252 -20.28 1.30 -13.71
CA GLU A 252 -20.85 1.04 -15.03
C GLU A 252 -20.30 2.03 -16.06
N GLU A 253 -20.20 3.29 -15.67
CA GLU A 253 -19.69 4.32 -16.56
C GLU A 253 -18.19 4.16 -16.76
N LEU A 254 -17.49 3.72 -15.72
CA LEU A 254 -16.04 3.49 -15.80
C LEU A 254 -15.71 2.47 -16.88
N PHE A 255 -16.50 1.41 -16.94
CA PHE A 255 -16.35 0.36 -17.96
C PHE A 255 -16.31 0.92 -19.37
N SER A 256 -17.35 1.67 -19.74
CA SER A 256 -17.48 2.21 -21.08
C SER A 256 -16.43 3.29 -21.35
N LEU A 257 -16.13 4.11 -20.35
CA LEU A 257 -15.13 5.15 -20.50
C LEU A 257 -13.75 4.57 -20.77
N LEU A 258 -13.41 3.51 -20.06
CA LEU A 258 -12.13 2.84 -20.26
C LEU A 258 -12.04 2.17 -21.63
N ARG A 259 -13.17 1.65 -22.11
CA ARG A 259 -13.22 1.06 -23.43
C ARG A 259 -13.03 2.14 -24.50
N GLU A 260 -13.37 3.38 -24.15
CA GLU A 260 -13.20 4.50 -25.06
C GLU A 260 -11.85 5.18 -24.87
N GLY A 261 -11.06 4.70 -23.91
CA GLY A 261 -9.71 5.20 -23.69
C GLY A 261 -9.66 6.45 -22.84
N HIS A 262 -10.70 6.66 -22.03
CA HIS A 262 -10.78 7.81 -21.14
C HIS A 262 -9.64 7.80 -20.12
N ARG A 263 -9.11 8.98 -19.83
CA ARG A 263 -8.10 9.15 -18.81
C ARG A 263 -8.45 10.33 -17.91
N MET A 264 -7.96 10.32 -16.67
CA MET A 264 -8.24 11.40 -15.74
C MET A 264 -7.58 12.72 -16.15
N ASP A 265 -8.22 13.83 -15.81
CA ASP A 265 -7.66 15.15 -16.08
C ASP A 265 -6.41 15.40 -15.25
N ARG A 266 -5.61 16.37 -15.69
CA ARG A 266 -4.53 16.89 -14.89
C ARG A 266 -5.10 17.60 -13.68
N PRO A 267 -4.68 17.20 -12.47
CA PRO A 267 -5.21 17.79 -11.24
C PRO A 267 -4.67 19.20 -11.02
N PRO A 268 -5.39 20.01 -10.23
CA PRO A 268 -4.92 21.36 -9.91
C PRO A 268 -3.59 21.32 -9.16
N HIS A 269 -2.76 22.34 -9.35
CA HIS A 269 -1.50 22.47 -8.63
C HIS A 269 -0.62 21.22 -8.79
N CYS A 270 -0.59 20.69 -10.01
CA CYS A 270 0.25 19.55 -10.34
C CYS A 270 1.09 19.88 -11.56
N PRO A 271 2.43 19.93 -11.39
CA PRO A 271 3.33 20.28 -12.50
C PRO A 271 3.18 19.28 -13.65
N PRO A 272 3.43 19.73 -14.89
CA PRO A 272 3.24 18.88 -16.06
C PRO A 272 4.15 17.65 -16.05
N GLU A 273 5.30 17.75 -15.38
CA GLU A 273 6.20 16.62 -15.25
C GLU A 273 5.52 15.41 -14.63
N LEU A 274 4.67 15.65 -13.64
CA LEU A 274 4.07 14.56 -12.90
C LEU A 274 2.79 14.05 -13.55
N TYR A 275 2.04 14.94 -14.20
CA TYR A 275 0.89 14.48 -14.98
C TYR A 275 1.39 13.70 -16.18
N GLY A 276 2.56 14.08 -16.68
CA GLY A 276 3.20 13.37 -17.78
C GLY A 276 3.51 11.94 -17.40
N LEU A 277 4.04 11.75 -16.19
CA LEU A 277 4.33 10.42 -15.69
C LEU A 277 3.06 9.59 -15.51
N MET A 278 2.01 10.24 -15.00
CA MET A 278 0.72 9.58 -14.84
C MET A 278 0.20 9.03 -16.16
N ARG A 279 0.22 9.87 -17.19
CA ARG A 279 -0.28 9.50 -18.51
C ARG A 279 0.57 8.41 -19.16
N GLU A 280 1.87 8.43 -18.90
CA GLU A 280 2.75 7.37 -19.37
C GLU A 280 2.37 6.04 -18.71
N CYS A 281 2.05 6.11 -17.42
CA CYS A 281 1.66 4.92 -16.66
C CYS A 281 0.34 4.35 -17.15
N TRP A 282 -0.48 5.20 -17.77
CA TRP A 282 -1.79 4.78 -18.26
C TRP A 282 -1.83 4.56 -19.77
N HIS A 283 -0.67 4.42 -20.39
CA HIS A 283 -0.63 4.08 -21.81
C HIS A 283 -1.29 2.72 -22.01
N ALA A 284 -2.06 2.59 -23.09
CA ALA A 284 -2.84 1.38 -23.35
C ALA A 284 -1.98 0.13 -23.41
N ALA A 285 -0.91 0.19 -24.19
CA ALA A 285 0.03 -0.93 -24.31
C ALA A 285 0.94 -0.99 -23.10
N PRO A 286 0.93 -2.13 -22.38
CA PRO A 286 1.77 -2.37 -21.21
C PRO A 286 3.24 -2.04 -21.45
N SER A 287 3.75 -2.35 -22.64
CA SER A 287 5.16 -2.12 -22.94
C SER A 287 5.46 -0.64 -23.18
N GLN A 288 4.42 0.18 -23.29
CA GLN A 288 4.60 1.60 -23.51
C GLN A 288 4.49 2.39 -22.20
N ARG A 289 4.21 1.68 -21.12
CA ARG A 289 4.29 2.26 -19.79
C ARG A 289 5.72 2.15 -19.30
N PRO A 290 6.14 3.07 -18.42
CA PRO A 290 7.50 2.97 -17.89
C PRO A 290 7.64 1.76 -16.98
N THR A 291 8.88 1.30 -16.79
CA THR A 291 9.12 0.29 -15.78
C THR A 291 9.27 1.00 -14.44
N PHE A 292 9.24 0.25 -13.34
CA PHE A 292 9.41 0.84 -12.03
C PHE A 292 10.82 1.39 -11.86
N LYS A 293 11.78 0.76 -12.52
CA LYS A 293 13.16 1.25 -12.52
C LYS A 293 13.22 2.62 -13.18
N GLN A 294 12.47 2.78 -14.27
CA GLN A 294 12.41 4.06 -14.99
C GLN A 294 11.67 5.10 -14.17
N LEU A 295 10.63 4.68 -13.46
CA LEU A 295 9.88 5.58 -12.59
C LEU A 295 10.74 6.07 -11.43
N VAL A 296 11.52 5.17 -10.86
CA VAL A 296 12.45 5.53 -9.79
C VAL A 296 13.41 6.62 -10.25
N GLU A 297 14.01 6.40 -11.42
CA GLU A 297 14.97 7.35 -11.99
C GLU A 297 14.31 8.68 -12.34
N ALA A 298 13.13 8.62 -12.95
CA ALA A 298 12.41 9.82 -13.36
C ALA A 298 12.04 10.67 -12.15
N LEU A 299 11.54 10.02 -11.11
CA LEU A 299 11.15 10.72 -9.89
C LEU A 299 12.36 11.20 -9.10
N ASP A 300 13.47 10.48 -9.21
CA ASP A 300 14.70 10.89 -8.54
C ASP A 300 15.21 12.19 -9.13
N LYS A 301 15.09 12.33 -10.44
CA LYS A 301 15.52 13.55 -11.14
C LYS A 301 14.75 14.78 -10.67
N VAL A 302 13.43 14.62 -10.50
CA VAL A 302 12.60 15.70 -9.99
C VAL A 302 12.98 16.03 -8.55
N LEU A 303 13.17 14.97 -7.76
CA LEU A 303 13.52 15.09 -6.35
C LEU A 303 14.82 15.87 -6.15
N LEU A 304 15.83 15.53 -6.95
CA LEU A 304 17.13 16.18 -6.86
C LEU A 304 17.09 17.62 -7.35
N ALA A 305 16.16 17.90 -8.26
CA ALA A 305 16.02 19.25 -8.79
C ALA A 305 15.34 20.18 -7.79
N VAL A 306 14.60 19.59 -6.86
CA VAL A 306 13.80 20.37 -5.93
C VAL A 306 14.23 20.21 -4.47
N SER A 307 15.28 19.42 -4.24
CA SER A 307 15.83 19.28 -2.90
C SER A 307 17.15 20.04 -2.76
#